data_8FN3
#
_entry.id   8FN3
#
_cell.length_a   98.595
_cell.length_b   98.595
_cell.length_c   81.376
_cell.angle_alpha   90.000
_cell.angle_beta   90.000
_cell.angle_gamma   120.000
#
_symmetry.space_group_name_H-M   'P 61'
#
loop_
_entity.id
_entity.type
_entity.pdbx_description
1 polymer 'DNA polymerase eta'
2 polymer 'DNA template'
3 polymer 'DNA primer'
4 non-polymer "2'-deoxyinosine 5'-triphosphate"
5 non-polymer 'CALCIUM ION'
6 water water
#
loop_
_entity_poly.entity_id
_entity_poly.type
_entity_poly.pdbx_seq_one_letter_code
_entity_poly.pdbx_strand_id
1 'polypeptide(L)'
;MATGQDRVVALVDMDCFFVQVEQRQNPHLRNKPCAVVQYKSWKGGGIIAVSYEARAFGVTRSMWADDAKKLCPDLLLAQV
RESRGKANLTKYREASVEVMEIMSRFAVIERASIDEAYVDLTSAVQERLQKLQGQPISADLLPSTYIEGLPQGPTTAEET
VQKEGMRKQGLFQWLDSLQIDNLTSPDLQLTVGAVIVEEMRAAIERETGFQCSAGISHNKVLAKLACGLNKPNRQTLVSH
GSVPQLFSQMPIRKIRSLGGKLGASVIEILGIEYMGELTQFTESQLQSHFGEKNGSWLYAMCRGIEHDPVKPRQLPKTIG
CSKNFPGKTALATREQVQWWLLQLAQELEERLTKDRNDNDRVATQLVVSIRVQGDKRLSSLRRCCALTRYDAHKMSHDAF
TVIKNCNTSGIQTEWSPPLTMLFLCATKFSAS
;
A
2 'polydeoxyribonucleotide' (DC)(DA)(DT)(DC)(DC)(DT)(DC)(DA)(DC)(DA)(DC)(DT) T
3 'polydeoxyribonucleotide' (DA)(DG)(DT)(DG)(DT)(DG)(DA)(DG) P
#
loop_
_chem_comp.id
_chem_comp.type
_chem_comp.name
_chem_comp.formula
CA non-polymer 'CALCIUM ION' 'Ca 2'
DA DNA linking 2'-DEOXYADENOSINE-5'-MONOPHOSPHATE 'C10 H14 N5 O6 P'
DC DNA linking 2'-DEOXYCYTIDINE-5'-MONOPHOSPHATE 'C9 H14 N3 O7 P'
DG DNA linking 2'-DEOXYGUANOSINE-5'-MONOPHOSPHATE 'C10 H14 N5 O7 P'
DT DNA linking THYMIDINE-5'-MONOPHOSPHATE 'C10 H15 N2 O8 P'
Y43 non-polymer '2'-deoxyinosine 5'-triphosphate' 'C10 H15 N4 O13 P3'
#
# COMPACT_ATOMS: atom_id res chain seq x y z
N ALA A 2 -25.32 8.70 14.00
CA ALA A 2 -24.38 7.87 13.24
C ALA A 2 -22.95 8.28 13.54
N THR A 3 -22.38 7.73 14.61
CA THR A 3 -21.05 8.12 15.06
C THR A 3 -19.94 7.40 14.31
N GLY A 4 -20.27 6.53 13.35
CA GLY A 4 -19.21 5.85 12.62
C GLY A 4 -18.40 4.89 13.47
N GLN A 5 -19.05 4.25 14.45
CA GLN A 5 -18.43 3.29 15.34
C GLN A 5 -18.99 1.88 15.15
N ASP A 6 -19.50 1.61 13.96
CA ASP A 6 -20.21 0.36 13.71
C ASP A 6 -19.23 -0.79 13.52
N ARG A 7 -18.16 -0.55 12.78
CA ARG A 7 -17.21 -1.55 12.33
C ARG A 7 -15.94 -1.51 13.15
N VAL A 8 -15.23 -2.64 13.14
CA VAL A 8 -13.84 -2.73 13.55
C VAL A 8 -13.02 -3.07 12.32
N VAL A 9 -12.07 -2.20 11.97
CA VAL A 9 -11.26 -2.34 10.77
C VAL A 9 -9.80 -2.22 11.14
N ALA A 10 -8.97 -3.11 10.59
CA ALA A 10 -7.53 -3.04 10.79
C ALA A 10 -6.80 -2.88 9.46
N LEU A 11 -5.72 -2.10 9.46
CA LEU A 11 -4.82 -2.04 8.32
C LEU A 11 -3.47 -2.59 8.76
N VAL A 12 -3.03 -3.68 8.14
CA VAL A 12 -1.75 -4.28 8.47
C VAL A 12 -0.75 -3.93 7.38
N ASP A 13 0.50 -3.65 7.76
CA ASP A 13 1.48 -3.07 6.85
C ASP A 13 2.84 -3.62 7.19
N MET A 14 3.44 -4.39 6.26
CA MET A 14 4.75 -4.94 6.54
C MET A 14 5.82 -3.85 6.61
N ASP A 15 6.64 -3.91 7.66
CA ASP A 15 7.74 -2.97 7.85
C ASP A 15 8.78 -3.15 6.77
N CYS A 16 9.15 -2.04 6.10
CA CYS A 16 10.09 -2.00 4.99
C CYS A 16 10.14 -3.30 4.20
N PHE A 17 9.10 -3.60 3.44
CA PHE A 17 8.82 -4.99 3.04
C PHE A 17 9.92 -5.59 2.17
N PHE A 18 10.27 -4.95 1.06
CA PHE A 18 11.26 -5.55 0.17
C PHE A 18 12.56 -5.81 0.91
N VAL A 19 12.96 -4.88 1.80
CA VAL A 19 14.18 -5.05 2.60
C VAL A 19 14.09 -6.31 3.45
N GLN A 20 12.95 -6.50 4.15
CA GLN A 20 12.77 -7.73 4.95
C GLN A 20 12.84 -8.97 4.05
N VAL A 21 12.25 -8.92 2.85
CA VAL A 21 12.28 -10.08 1.97
C VAL A 21 13.72 -10.47 1.66
N GLU A 22 14.56 -9.48 1.31
CA GLU A 22 15.97 -9.81 1.06
C GLU A 22 16.69 -10.15 2.35
N GLN A 23 16.34 -9.51 3.48
CA GLN A 23 17.01 -9.82 4.74
C GLN A 23 16.68 -11.23 5.21
N ARG A 24 15.44 -11.69 5.00
CA ARG A 24 15.13 -13.06 5.36
C ARG A 24 16.02 -14.02 4.59
N GLN A 25 16.17 -13.78 3.28
CA GLN A 25 16.95 -14.68 2.43
C GLN A 25 18.45 -14.54 2.65
N ASN A 26 18.92 -13.34 2.99
CA ASN A 26 20.36 -13.09 3.13
C ASN A 26 20.63 -12.62 4.56
N PRO A 27 20.90 -13.54 5.49
CA PRO A 27 21.09 -13.15 6.89
C PRO A 27 22.20 -12.13 7.11
N HIS A 28 23.16 -12.01 6.21
CA HIS A 28 24.20 -11.01 6.38
C HIS A 28 23.62 -9.60 6.42
N LEU A 29 22.37 -9.42 5.98
CA LEU A 29 21.82 -8.07 5.86
C LEU A 29 20.99 -7.67 7.06
N ARG A 30 20.65 -8.62 7.94
CA ARG A 30 19.71 -8.36 9.03
C ARG A 30 20.30 -7.39 10.04
N ASN A 31 19.43 -6.56 10.61
CA ASN A 31 19.79 -5.56 11.61
C ASN A 31 20.98 -4.72 11.16
N LYS A 32 20.95 -4.28 9.91
CA LYS A 32 21.99 -3.43 9.34
C LYS A 32 21.34 -2.34 8.52
N PRO A 33 22.00 -1.20 8.32
CA PRO A 33 21.52 -0.26 7.29
C PRO A 33 21.58 -0.95 5.93
N CYS A 34 20.43 -1.14 5.32
CA CYS A 34 20.48 -1.67 3.97
C CYS A 34 19.25 -1.21 3.22
N ALA A 35 19.30 -1.35 1.90
CA ALA A 35 18.21 -0.91 1.06
C ALA A 35 18.10 -1.85 -0.13
N VAL A 36 16.97 -1.80 -0.81
CA VAL A 36 16.76 -2.53 -2.05
C VAL A 36 16.82 -1.53 -3.18
N VAL A 37 17.56 -1.86 -4.25
CA VAL A 37 17.69 -1.00 -5.43
C VAL A 37 17.30 -1.83 -6.65
N GLN A 38 16.93 -1.12 -7.73
CA GLN A 38 16.82 -1.75 -9.06
C GLN A 38 17.67 -1.00 -10.07
N TYR A 39 18.28 -1.78 -10.99
CA TYR A 39 19.14 -1.29 -12.06
C TYR A 39 20.39 -0.61 -11.53
N LYS A 40 21.54 -1.31 -11.55
CA LYS A 40 22.76 -0.83 -10.92
C LYS A 40 23.51 0.23 -11.73
N SER A 41 23.32 0.29 -13.06
CA SER A 41 24.24 1.09 -13.88
C SER A 41 24.11 2.59 -13.61
N TRP A 42 22.88 3.12 -13.57
CA TRP A 42 22.68 4.56 -13.52
C TRP A 42 22.71 5.03 -12.07
N LYS A 43 23.81 5.69 -11.68
CA LYS A 43 23.99 6.29 -10.35
C LYS A 43 23.85 5.25 -9.24
N GLY A 44 24.23 4.00 -9.54
CA GLY A 44 24.18 2.91 -8.58
C GLY A 44 22.82 2.28 -8.42
N GLY A 45 21.80 2.80 -9.06
CA GLY A 45 20.48 2.23 -8.94
C GLY A 45 19.56 3.04 -8.07
N GLY A 46 18.29 3.05 -8.42
CA GLY A 46 17.31 3.74 -7.62
C GLY A 46 16.90 2.90 -6.43
N ILE A 47 16.71 3.57 -5.30
CA ILE A 47 16.35 2.90 -4.06
C ILE A 47 14.84 2.82 -3.95
N ILE A 48 14.31 1.61 -3.73
CA ILE A 48 12.88 1.42 -3.58
C ILE A 48 12.45 0.99 -2.19
N ALA A 49 13.39 0.67 -1.28
CA ALA A 49 13.02 0.25 0.05
C ALA A 49 14.23 0.36 0.96
N VAL A 50 14.00 0.76 2.21
CA VAL A 50 15.06 1.20 3.11
C VAL A 50 14.78 0.66 4.50
N SER A 51 15.72 -0.12 5.05
CA SER A 51 15.59 -0.62 6.40
C SER A 51 15.57 0.55 7.38
N TYR A 52 15.08 0.28 8.59
CA TYR A 52 14.97 1.37 9.56
C TYR A 52 16.33 1.83 10.06
N GLU A 53 17.34 0.96 10.05
CA GLU A 53 18.69 1.38 10.35
C GLU A 53 19.22 2.37 9.32
N ALA A 54 18.95 2.13 8.03
CA ALA A 54 19.44 3.08 7.03
C ALA A 54 18.67 4.40 7.08
N ARG A 55 17.38 4.37 7.47
CA ARG A 55 16.59 5.60 7.54
C ARG A 55 17.16 6.59 8.55
N ALA A 56 17.72 6.10 9.64
CA ALA A 56 18.27 6.97 10.67
C ALA A 56 19.44 7.82 10.15
N PHE A 57 20.08 7.44 9.04
CA PHE A 57 21.05 8.28 8.34
C PHE A 57 20.40 9.19 7.32
N GLY A 58 19.07 9.18 7.21
CA GLY A 58 18.37 9.97 6.24
C GLY A 58 18.19 9.33 4.87
N VAL A 59 18.53 8.06 4.69
CA VAL A 59 18.31 7.40 3.41
C VAL A 59 16.82 7.27 3.15
N THR A 60 16.39 7.58 1.92
CA THR A 60 14.98 7.48 1.55
C THR A 60 14.84 6.80 0.20
N ARG A 61 13.61 6.36 -0.05
CA ARG A 61 13.19 5.89 -1.36
C ARG A 61 13.40 6.99 -2.40
N SER A 62 13.55 6.57 -3.66
CA SER A 62 13.71 7.43 -4.82
C SER A 62 15.13 7.98 -4.94
N MET A 63 15.89 7.96 -3.85
CA MET A 63 17.28 8.38 -3.90
C MET A 63 18.05 7.50 -4.87
N TRP A 64 19.14 8.03 -5.40
CA TRP A 64 20.08 7.17 -6.08
C TRP A 64 20.95 6.45 -5.05
N ALA A 65 21.33 5.21 -5.37
CA ALA A 65 22.11 4.46 -4.40
C ALA A 65 23.47 5.12 -4.16
N ASP A 66 24.05 5.75 -5.19
CA ASP A 66 25.34 6.41 -5.01
C ASP A 66 25.23 7.57 -4.03
N ASP A 67 24.09 8.27 -4.06
CA ASP A 67 23.90 9.38 -3.15
C ASP A 67 23.60 8.89 -1.73
N ALA A 68 22.82 7.80 -1.61
CA ALA A 68 22.57 7.20 -0.30
C ALA A 68 23.86 6.71 0.35
N LYS A 69 24.79 6.17 -0.44
CA LYS A 69 26.09 5.80 0.10
C LYS A 69 26.86 7.01 0.64
N LYS A 70 26.61 8.22 0.11
CA LYS A 70 27.20 9.43 0.70
C LYS A 70 26.60 9.73 2.07
N LEU A 71 25.29 9.47 2.26
CA LEU A 71 24.67 9.65 3.58
C LEU A 71 25.05 8.55 4.56
N CYS A 72 25.35 7.35 4.06
CA CYS A 72 25.50 6.17 4.92
C CYS A 72 26.50 5.24 4.26
N PRO A 73 27.80 5.48 4.50
CA PRO A 73 28.83 4.75 3.74
C PRO A 73 28.82 3.24 3.92
N ASP A 74 28.38 2.73 5.07
CA ASP A 74 28.24 1.30 5.30
C ASP A 74 26.87 0.74 4.89
N LEU A 75 26.11 1.44 4.05
CA LEU A 75 24.82 0.93 3.60
C LEU A 75 25.03 -0.32 2.74
N LEU A 76 24.33 -1.39 3.08
CA LEU A 76 24.33 -2.60 2.28
C LEU A 76 23.17 -2.56 1.29
N LEU A 77 23.36 -3.23 0.14
CA LEU A 77 22.42 -3.15 -0.97
C LEU A 77 22.03 -4.54 -1.46
N ALA A 78 20.75 -4.71 -1.75
CA ALA A 78 20.25 -5.89 -2.45
C ALA A 78 19.63 -5.37 -3.74
N GLN A 79 20.00 -5.98 -4.86
CA GLN A 79 19.51 -5.53 -6.16
C GLN A 79 18.33 -6.40 -6.57
N VAL A 80 17.31 -5.79 -7.15
CA VAL A 80 16.15 -6.52 -7.64
C VAL A 80 16.56 -7.37 -8.84
N ARG A 81 16.06 -8.61 -8.88
CA ARG A 81 16.30 -9.49 -10.03
C ARG A 81 16.00 -8.76 -11.33
N GLU A 82 16.75 -9.07 -12.37
CA GLU A 82 16.42 -8.58 -13.69
C GLU A 82 16.19 -9.76 -14.62
N SER A 83 15.14 -9.68 -15.42
CA SER A 83 14.85 -10.68 -16.44
C SER A 83 14.37 -10.00 -17.71
N ARG A 84 14.90 -10.45 -18.84
CA ARG A 84 14.56 -9.90 -20.15
C ARG A 84 14.81 -8.40 -20.22
N GLY A 85 15.87 -7.95 -19.54
CA GLY A 85 16.23 -6.55 -19.59
C GLY A 85 15.37 -5.64 -18.76
N LYS A 86 14.69 -6.16 -17.73
CA LYS A 86 13.90 -5.27 -16.89
C LYS A 86 13.84 -5.84 -15.49
N ALA A 87 13.37 -5.01 -14.56
CA ALA A 87 13.16 -5.46 -13.19
C ALA A 87 12.12 -6.58 -13.16
N ASN A 88 12.34 -7.55 -12.28
CA ASN A 88 11.40 -8.64 -12.04
C ASN A 88 11.08 -8.71 -10.55
N LEU A 89 9.81 -8.56 -10.21
CA LEU A 89 9.35 -8.45 -8.84
C LEU A 89 8.85 -9.77 -8.25
N THR A 90 9.08 -10.88 -8.93
CA THR A 90 8.38 -12.13 -8.57
C THR A 90 8.63 -12.51 -7.12
N LYS A 91 9.86 -12.32 -6.62
CA LYS A 91 10.19 -12.73 -5.27
C LYS A 91 9.31 -12.03 -4.24
N TYR A 92 8.95 -10.77 -4.52
CA TYR A 92 8.17 -9.98 -3.59
C TYR A 92 6.68 -10.26 -3.70
N ARG A 93 6.18 -10.43 -4.94
CA ARG A 93 4.79 -10.88 -5.10
C ARG A 93 4.58 -12.22 -4.39
N GLU A 94 5.56 -13.12 -4.46
CA GLU A 94 5.44 -14.42 -3.80
C GLU A 94 5.53 -14.28 -2.29
N ALA A 95 6.42 -13.44 -1.79
CA ALA A 95 6.44 -13.22 -0.35
C ALA A 95 5.16 -12.53 0.10
N SER A 96 4.63 -11.65 -0.75
CA SER A 96 3.31 -11.07 -0.48
C SER A 96 2.25 -12.16 -0.32
N VAL A 97 2.25 -13.15 -1.21
CA VAL A 97 1.26 -14.23 -1.14
C VAL A 97 1.31 -14.91 0.23
N GLU A 98 2.52 -15.14 0.75
CA GLU A 98 2.65 -15.69 2.10
C GLU A 98 1.83 -14.92 3.12
N VAL A 99 1.99 -13.58 3.17
CA VAL A 99 1.33 -12.77 4.19
C VAL A 99 -0.19 -12.73 3.97
N MET A 100 -0.65 -12.51 2.73
CA MET A 100 -2.10 -12.46 2.49
C MET A 100 -2.79 -13.75 2.89
N GLU A 101 -2.13 -14.89 2.72
CA GLU A 101 -2.79 -16.15 3.02
C GLU A 101 -2.95 -16.35 4.52
N ILE A 102 -1.95 -15.93 5.31
CA ILE A 102 -2.06 -16.03 6.76
C ILE A 102 -3.18 -15.13 7.27
N MET A 103 -3.17 -13.87 6.86
CA MET A 103 -4.21 -12.96 7.33
C MET A 103 -5.59 -13.50 6.97
N SER A 104 -5.76 -14.00 5.75
CA SER A 104 -7.04 -14.52 5.30
C SER A 104 -7.56 -15.66 6.17
N ARG A 105 -6.71 -16.27 7.00
CA ARG A 105 -7.20 -17.27 7.94
C ARG A 105 -8.01 -16.69 9.07
N PHE A 106 -7.88 -15.37 9.32
CA PHE A 106 -8.54 -14.73 10.45
C PHE A 106 -9.81 -13.99 10.09
N ALA A 107 -9.87 -13.45 8.87
CA ALA A 107 -11.00 -12.61 8.49
C ALA A 107 -10.91 -12.39 6.99
N VAL A 108 -11.96 -11.77 6.44
CA VAL A 108 -11.90 -11.36 5.04
C VAL A 108 -11.05 -10.11 4.93
N ILE A 109 -10.12 -10.13 3.98
CA ILE A 109 -9.18 -9.02 3.84
C ILE A 109 -9.34 -8.38 2.47
N GLU A 110 -8.90 -7.14 2.39
CA GLU A 110 -8.76 -6.41 1.13
C GLU A 110 -7.28 -6.14 0.94
N ARG A 111 -6.67 -6.88 0.00
CA ARG A 111 -5.36 -6.53 -0.50
C ARG A 111 -5.33 -5.10 -1.04
N ALA A 112 -4.69 -4.19 -0.30
CA ALA A 112 -4.57 -2.81 -0.76
C ALA A 112 -3.33 -2.55 -1.60
N SER A 113 -2.30 -3.36 -1.44
CA SER A 113 -1.03 -3.17 -2.13
C SER A 113 -0.23 -4.46 -1.94
N ILE A 114 0.97 -4.51 -2.53
CA ILE A 114 1.75 -5.71 -2.39
C ILE A 114 2.00 -6.05 -0.92
N ASP A 115 1.96 -5.07 -0.01
CA ASP A 115 2.36 -5.36 1.36
C ASP A 115 1.40 -4.83 2.43
N GLU A 116 0.15 -4.53 2.07
CA GLU A 116 -0.80 -4.16 3.10
C GLU A 116 -2.18 -4.63 2.68
N ALA A 117 -2.97 -4.95 3.71
CA ALA A 117 -4.33 -5.44 3.58
C ALA A 117 -5.15 -4.85 4.70
N TYR A 118 -6.35 -4.40 4.37
CA TYR A 118 -7.37 -4.08 5.36
C TYR A 118 -8.08 -5.35 5.81
N VAL A 119 -8.47 -5.37 7.08
CA VAL A 119 -9.12 -6.50 7.69
C VAL A 119 -10.41 -5.99 8.32
N ASP A 120 -11.52 -6.63 8.00
CA ASP A 120 -12.78 -6.30 8.68
C ASP A 120 -12.97 -7.30 9.82
N LEU A 121 -12.76 -6.83 11.05
CA LEU A 121 -12.82 -7.68 12.22
C LEU A 121 -14.16 -7.60 12.97
N THR A 122 -15.14 -6.89 12.42
CA THR A 122 -16.41 -6.71 13.10
C THR A 122 -16.95 -8.04 13.62
N SER A 123 -17.12 -9.03 12.73
CA SER A 123 -17.69 -10.33 13.13
C SER A 123 -16.77 -11.11 14.06
N ALA A 124 -15.48 -11.19 13.72
CA ALA A 124 -14.54 -11.89 14.58
C ALA A 124 -14.57 -11.34 16.01
N VAL A 125 -14.69 -10.01 16.17
CA VAL A 125 -14.76 -9.42 17.51
C VAL A 125 -16.01 -9.90 18.23
N GLN A 126 -17.14 -9.93 17.53
CA GLN A 126 -18.38 -10.44 18.09
C GLN A 126 -18.19 -11.84 18.67
N GLU A 127 -17.68 -12.78 17.86
CA GLU A 127 -17.54 -14.15 18.35
C GLU A 127 -16.61 -14.21 19.56
N ARG A 128 -15.48 -13.50 19.49
CA ARG A 128 -14.55 -13.51 20.61
C ARG A 128 -15.18 -12.92 21.88
N LEU A 129 -16.10 -11.96 21.72
CA LEU A 129 -16.72 -11.33 22.89
C LEU A 129 -17.60 -12.31 23.65
N GLN A 130 -18.18 -13.31 22.97
CA GLN A 130 -19.02 -14.31 23.63
C GLN A 130 -18.19 -15.39 24.29
N LYS A 131 -17.11 -15.82 23.64
CA LYS A 131 -16.20 -16.77 24.28
C LYS A 131 -15.51 -16.15 25.50
N LEU A 132 -15.53 -14.82 25.61
CA LEU A 132 -14.84 -14.13 26.67
C LEU A 132 -15.73 -13.89 27.89
N GLN A 133 -16.86 -14.60 27.99
CA GLN A 133 -17.65 -14.66 29.23
C GLN A 133 -17.97 -13.29 29.81
N GLY A 134 -16.94 -12.57 30.23
CA GLY A 134 -17.07 -11.26 30.81
C GLY A 134 -15.78 -10.92 31.54
N GLN A 135 -14.78 -11.80 31.39
CA GLN A 135 -13.50 -11.62 32.05
C GLN A 135 -12.73 -10.46 31.45
N PRO A 136 -11.80 -9.87 32.20
CA PRO A 136 -11.15 -8.64 31.74
C PRO A 136 -10.11 -8.92 30.69
N ILE A 137 -9.77 -7.86 29.96
CA ILE A 137 -8.66 -7.89 29.03
C ILE A 137 -7.42 -7.56 29.84
N SER A 138 -6.49 -8.50 29.87
CA SER A 138 -5.21 -8.34 30.52
C SER A 138 -4.22 -7.63 29.59
N ALA A 139 -3.31 -6.85 30.17
CA ALA A 139 -2.34 -6.13 29.35
C ALA A 139 -1.45 -7.10 28.58
N ASP A 140 -1.23 -8.30 29.13
CA ASP A 140 -0.40 -9.27 28.45
C ASP A 140 -1.01 -9.70 27.14
N LEU A 141 -2.33 -9.51 26.96
CA LEU A 141 -2.94 -9.78 25.66
C LEU A 141 -2.53 -8.74 24.63
N LEU A 142 -1.96 -7.61 25.05
CA LEU A 142 -1.67 -6.50 24.13
C LEU A 142 -0.21 -6.04 24.21
N PRO A 143 0.75 -6.96 24.06
CA PRO A 143 2.16 -6.63 24.35
C PRO A 143 2.80 -5.59 23.42
N SER A 144 2.21 -5.26 22.26
CA SER A 144 2.85 -4.31 21.34
C SER A 144 1.89 -3.23 20.89
N THR A 145 0.82 -2.98 21.67
CA THR A 145 -0.26 -2.05 21.31
C THR A 145 -0.09 -0.69 21.99
N TYR A 146 -0.19 0.38 21.20
CA TYR A 146 -0.31 1.75 21.69
C TYR A 146 -1.77 2.19 21.62
N ILE A 147 -2.20 2.97 22.62
CA ILE A 147 -3.53 3.61 22.62
C ILE A 147 -3.29 5.09 22.35
N GLU A 148 -3.61 5.54 21.13
CA GLU A 148 -3.32 6.92 20.76
C GLU A 148 -4.06 7.87 21.68
N GLY A 149 -3.37 8.90 22.16
CA GLY A 149 -3.93 9.88 23.06
C GLY A 149 -3.75 9.57 24.52
N LEU A 150 -3.21 8.39 24.85
CA LEU A 150 -2.89 8.00 26.21
C LEU A 150 -1.40 7.70 26.30
N PRO A 151 -0.80 7.91 27.48
CA PRO A 151 -1.41 8.37 28.73
C PRO A 151 -1.74 9.84 28.75
N GLN A 152 -2.76 10.22 29.49
CA GLN A 152 -3.02 11.63 29.69
C GLN A 152 -3.25 11.88 31.18
N GLY A 153 -3.37 13.16 31.52
CA GLY A 153 -3.68 13.59 32.87
C GLY A 153 -2.49 13.54 33.82
N PRO A 154 -2.75 13.83 35.11
CA PRO A 154 -1.78 13.72 36.21
C PRO A 154 -1.51 12.28 36.67
N THR A 160 7.18 8.38 33.05
CA THR A 160 8.29 7.57 32.54
C THR A 160 8.85 8.15 31.27
N VAL A 161 10.18 8.12 31.20
CA VAL A 161 10.91 8.87 30.18
C VAL A 161 11.21 8.06 28.93
N GLN A 162 11.02 6.74 28.95
CA GLN A 162 11.34 5.89 27.81
C GLN A 162 10.08 5.35 27.16
N LYS A 163 10.21 5.00 25.87
CA LYS A 163 9.07 4.82 24.98
C LYS A 163 8.16 3.68 25.44
N GLU A 164 8.74 2.53 25.77
CA GLU A 164 7.94 1.41 26.26
C GLU A 164 7.23 1.75 27.56
N GLY A 165 7.82 2.64 28.38
CA GLY A 165 7.11 3.09 29.57
C GLY A 165 5.81 3.78 29.25
N MET A 166 5.87 4.82 28.40
CA MET A 166 4.68 5.52 27.91
C MET A 166 3.61 4.53 27.44
N ARG A 167 3.99 3.62 26.53
CA ARG A 167 3.02 2.67 25.94
C ARG A 167 2.26 1.93 27.04
N LYS A 168 2.99 1.44 28.04
CA LYS A 168 2.39 0.68 29.13
C LYS A 168 1.43 1.56 29.95
N GLN A 169 1.88 2.75 30.34
CA GLN A 169 1.00 3.64 31.10
C GLN A 169 -0.27 3.93 30.32
N GLY A 170 -0.14 4.13 29.00
CA GLY A 170 -1.32 4.44 28.20
C GLY A 170 -2.28 3.27 28.14
N LEU A 171 -1.74 2.07 27.83
CA LEU A 171 -2.50 0.83 27.86
C LEU A 171 -3.18 0.60 29.20
N PHE A 172 -2.45 0.82 30.31
CA PHE A 172 -3.04 0.60 31.63
C PHE A 172 -4.22 1.53 31.86
N GLN A 173 -4.04 2.82 31.55
CA GLN A 173 -5.14 3.78 31.72
C GLN A 173 -6.35 3.33 30.91
N TRP A 174 -6.10 2.83 29.68
CA TRP A 174 -7.17 2.37 28.81
C TRP A 174 -7.87 1.15 29.39
N LEU A 175 -7.09 0.13 29.79
CA LEU A 175 -7.71 -1.08 30.32
C LEU A 175 -8.38 -0.85 31.68
N ASP A 176 -7.90 0.13 32.46
CA ASP A 176 -8.54 0.41 33.74
C ASP A 176 -9.96 0.91 33.55
N SER A 177 -10.21 1.67 32.49
CA SER A 177 -11.54 2.22 32.29
C SER A 177 -12.36 1.44 31.28
N LEU A 178 -11.92 0.25 30.89
CA LEU A 178 -12.74 -0.54 29.97
C LEU A 178 -14.01 -1.06 30.64
N GLN A 179 -15.15 -0.79 29.97
CA GLN A 179 -16.49 -1.27 30.36
C GLN A 179 -16.74 -2.64 29.73
N ILE A 180 -16.09 -3.65 30.31
CA ILE A 180 -16.11 -5.01 29.76
C ILE A 180 -17.45 -5.71 29.94
N ASP A 181 -18.37 -5.13 30.71
CA ASP A 181 -19.70 -5.71 30.86
C ASP A 181 -20.65 -5.32 29.73
N ASN A 182 -20.28 -4.34 28.92
CA ASN A 182 -21.13 -3.82 27.84
C ASN A 182 -20.53 -4.28 26.50
N LEU A 183 -21.06 -5.40 25.97
CA LEU A 183 -20.56 -6.01 24.73
C LEU A 183 -20.84 -5.19 23.47
N THR A 184 -21.49 -4.03 23.63
CA THR A 184 -21.74 -3.11 22.53
C THR A 184 -20.99 -1.79 22.62
N SER A 185 -20.18 -1.56 23.66
CA SER A 185 -19.37 -0.34 23.68
C SER A 185 -18.34 -0.38 22.57
N PRO A 186 -18.27 0.63 21.70
CA PRO A 186 -17.31 0.60 20.59
C PRO A 186 -15.85 0.53 21.01
N ASP A 187 -15.50 1.07 22.19
CA ASP A 187 -14.12 0.99 22.66
C ASP A 187 -13.75 -0.42 23.10
N LEU A 188 -14.71 -1.16 23.65
CA LEU A 188 -14.45 -2.56 23.95
C LEU A 188 -14.17 -3.33 22.67
N GLN A 189 -14.94 -3.06 21.61
CA GLN A 189 -14.81 -3.83 20.38
C GLN A 189 -13.45 -3.63 19.73
N LEU A 190 -12.96 -2.39 19.67
CA LEU A 190 -11.61 -2.11 19.17
C LEU A 190 -10.55 -2.82 20.00
N THR A 191 -10.65 -2.76 21.32
CA THR A 191 -9.73 -3.47 22.19
C THR A 191 -9.70 -4.96 21.85
N VAL A 192 -10.87 -5.57 21.71
CA VAL A 192 -10.89 -6.97 21.32
C VAL A 192 -10.37 -7.13 19.90
N GLY A 193 -10.71 -6.19 19.01
CA GLY A 193 -10.10 -6.19 17.68
C GLY A 193 -8.57 -6.13 17.75
N ALA A 194 -8.03 -5.31 18.65
CA ALA A 194 -6.57 -5.19 18.75
C ALA A 194 -5.95 -6.46 19.31
N VAL A 195 -6.63 -7.16 20.21
CA VAL A 195 -6.10 -8.43 20.68
C VAL A 195 -5.98 -9.41 19.52
N ILE A 196 -6.99 -9.44 18.63
CA ILE A 196 -6.93 -10.34 17.47
C ILE A 196 -5.77 -9.95 16.54
N VAL A 197 -5.55 -8.64 16.35
CA VAL A 197 -4.48 -8.19 15.47
C VAL A 197 -3.10 -8.55 16.05
N GLU A 198 -2.95 -8.51 17.38
CA GLU A 198 -1.74 -9.06 18.00
C GLU A 198 -1.53 -10.51 17.59
N GLU A 199 -2.59 -11.32 17.65
CA GLU A 199 -2.49 -12.71 17.22
C GLU A 199 -2.16 -12.81 15.73
N MET A 200 -2.85 -12.03 14.90
CA MET A 200 -2.55 -12.02 13.48
C MET A 200 -1.09 -11.68 13.27
N ARG A 201 -0.59 -10.68 13.99
CA ARG A 201 0.78 -10.25 13.78
C ARG A 201 1.77 -11.27 14.34
N ALA A 202 1.39 -12.00 15.38
CA ALA A 202 2.31 -13.03 15.87
C ALA A 202 2.37 -14.19 14.87
N ALA A 203 1.22 -14.50 14.26
CA ALA A 203 1.14 -15.59 13.29
C ALA A 203 1.96 -15.28 12.05
N ILE A 204 1.87 -14.04 11.55
CA ILE A 204 2.69 -13.59 10.43
C ILE A 204 4.16 -13.73 10.76
N GLU A 205 4.59 -13.19 11.91
CA GLU A 205 6.03 -13.20 12.18
C GLU A 205 6.54 -14.61 12.38
N ARG A 206 5.80 -15.45 13.10
CA ARG A 206 6.24 -16.83 13.32
C ARG A 206 6.31 -17.61 12.02
N GLU A 207 5.34 -17.40 11.13
CA GLU A 207 5.23 -18.26 9.97
C GLU A 207 5.98 -17.73 8.77
N THR A 208 6.38 -16.46 8.76
CA THR A 208 7.20 -15.96 7.67
C THR A 208 8.50 -15.30 8.13
N GLY A 209 8.60 -14.90 9.39
CA GLY A 209 9.71 -14.08 9.81
C GLY A 209 9.50 -12.61 9.55
N PHE A 210 8.43 -12.24 8.84
CA PHE A 210 8.24 -10.84 8.51
C PHE A 210 7.56 -10.12 9.65
N GLN A 211 8.12 -8.98 10.05
CA GLN A 211 7.49 -8.09 11.02
C GLN A 211 6.63 -7.04 10.34
N CYS A 212 5.62 -6.55 11.06
CA CYS A 212 4.69 -5.61 10.46
C CYS A 212 4.10 -4.72 11.53
N SER A 213 3.50 -3.62 11.09
CA SER A 213 2.71 -2.75 11.96
C SER A 213 1.24 -2.81 11.57
N ALA A 214 0.37 -2.34 12.48
CA ALA A 214 -1.05 -2.34 12.19
C ALA A 214 -1.72 -1.17 12.86
N GLY A 215 -2.75 -0.64 12.20
CA GLY A 215 -3.70 0.28 12.82
C GLY A 215 -5.05 -0.37 13.00
N ILE A 216 -5.70 -0.09 14.14
CA ILE A 216 -7.03 -0.61 14.46
C ILE A 216 -7.92 0.56 14.79
N SER A 217 -8.98 0.75 14.01
CA SER A 217 -9.96 1.80 14.30
C SER A 217 -11.33 1.37 13.79
N HIS A 218 -12.19 2.33 13.42
CA HIS A 218 -13.56 2.03 13.00
C HIS A 218 -13.76 2.08 11.49
N ASN A 219 -12.76 2.53 10.74
CA ASN A 219 -12.87 2.61 9.30
C ASN A 219 -11.47 2.53 8.71
N LYS A 220 -11.41 2.52 7.38
CA LYS A 220 -10.15 2.23 6.70
C LYS A 220 -9.16 3.38 6.85
N VAL A 221 -9.63 4.63 6.76
CA VAL A 221 -8.72 5.76 6.77
C VAL A 221 -8.10 5.95 8.15
N LEU A 222 -8.88 5.80 9.21
CA LEU A 222 -8.32 5.86 10.56
C LEU A 222 -7.40 4.67 10.82
N ALA A 223 -7.75 3.50 10.29
CA ALA A 223 -6.87 2.34 10.46
C ALA A 223 -5.51 2.61 9.83
N LYS A 224 -5.50 3.12 8.61
CA LYS A 224 -4.27 3.39 7.88
C LYS A 224 -3.44 4.48 8.55
N LEU A 225 -4.10 5.57 8.95
CA LEU A 225 -3.44 6.63 9.70
C LEU A 225 -2.84 6.09 11.00
N ALA A 226 -3.63 5.33 11.78
CA ALA A 226 -3.11 4.76 13.03
C ALA A 226 -1.91 3.87 12.79
N CYS A 227 -1.88 3.16 11.67
CA CYS A 227 -0.79 2.22 11.43
C CYS A 227 0.56 2.91 11.40
N GLY A 228 0.62 4.11 10.84
CA GLY A 228 1.94 4.73 10.73
C GLY A 228 2.34 5.56 11.91
N LEU A 229 1.55 5.56 12.98
CA LEU A 229 1.86 6.37 14.15
C LEU A 229 2.94 5.74 15.02
N ASN A 230 3.12 4.42 14.95
CA ASN A 230 4.07 3.77 15.84
C ASN A 230 4.84 2.66 15.11
N LYS A 231 5.54 3.00 14.08
CA LYS A 231 6.29 1.95 13.40
C LYS A 231 7.76 2.00 13.81
N PRO A 232 8.51 0.90 13.70
CA PRO A 232 8.14 -0.44 13.20
C PRO A 232 7.70 -1.43 14.26
N ASN A 233 7.04 -2.51 13.85
CA ASN A 233 6.77 -3.65 14.74
C ASN A 233 5.88 -3.27 15.91
N ARG A 234 4.89 -2.40 15.67
CA ARG A 234 3.96 -1.99 16.73
C ARG A 234 2.60 -1.74 16.10
N GLN A 235 1.55 -1.84 16.91
CA GLN A 235 0.20 -1.56 16.47
C GLN A 235 -0.41 -0.45 17.32
N THR A 236 -1.33 0.31 16.73
CA THR A 236 -1.95 1.45 17.38
C THR A 236 -3.46 1.39 17.27
N LEU A 237 -4.14 1.57 18.40
CA LEU A 237 -5.58 1.68 18.46
C LEU A 237 -5.95 3.18 18.49
N VAL A 238 -6.76 3.60 17.51
CA VAL A 238 -7.24 4.96 17.41
C VAL A 238 -8.73 4.90 17.61
N SER A 239 -9.20 5.36 18.77
CA SER A 239 -10.60 5.30 19.14
C SER A 239 -11.35 6.48 18.55
N HIS A 240 -12.68 6.35 18.44
CA HIS A 240 -13.48 7.48 18.00
C HIS A 240 -13.18 8.70 18.87
N GLY A 241 -13.10 8.50 20.19
CA GLY A 241 -12.85 9.60 21.12
C GLY A 241 -11.50 10.28 20.96
N SER A 242 -10.51 9.58 20.39
CA SER A 242 -9.20 10.20 20.18
C SER A 242 -9.17 11.15 18.99
N VAL A 243 -10.19 11.12 18.12
CA VAL A 243 -10.10 11.82 16.83
C VAL A 243 -9.98 13.33 16.98
N PRO A 244 -10.77 14.02 17.83
CA PRO A 244 -10.61 15.49 17.88
C PRO A 244 -9.20 15.95 18.22
N GLN A 245 -8.58 15.35 19.25
CA GLN A 245 -7.22 15.77 19.57
C GLN A 245 -6.25 15.32 18.48
N LEU A 246 -6.47 14.11 17.93
CA LEU A 246 -5.57 13.62 16.87
C LEU A 246 -5.63 14.51 15.64
N PHE A 247 -6.84 14.83 15.17
CA PHE A 247 -6.99 15.66 13.97
C PHE A 247 -6.65 17.13 14.18
N SER A 248 -6.62 17.61 15.44
CA SER A 248 -6.47 19.05 15.65
C SER A 248 -5.15 19.59 15.13
N GLN A 249 -4.09 18.77 15.13
CA GLN A 249 -2.81 19.15 14.56
C GLN A 249 -2.36 18.21 13.45
N MET A 250 -3.26 17.42 12.93
CA MET A 250 -2.86 16.50 11.88
C MET A 250 -2.89 17.25 10.55
N PRO A 251 -1.77 17.38 9.86
CA PRO A 251 -1.80 18.01 8.54
C PRO A 251 -2.72 17.25 7.59
N ILE A 252 -3.45 18.00 6.77
CA ILE A 252 -4.45 17.42 5.89
C ILE A 252 -3.83 16.35 4.99
N ARG A 253 -2.66 16.63 4.44
CA ARG A 253 -2.06 15.77 3.42
C ARG A 253 -1.72 14.39 3.96
N LYS A 254 -1.84 14.19 5.27
CA LYS A 254 -1.52 12.93 5.91
C LYS A 254 -2.68 11.94 5.85
N ILE A 255 -3.89 12.37 5.49
CA ILE A 255 -5.03 11.47 5.42
C ILE A 255 -5.11 10.89 4.01
N ARG A 256 -5.41 9.60 3.95
CA ARG A 256 -5.35 8.88 2.70
C ARG A 256 -6.29 9.51 1.68
N SER A 257 -5.72 9.88 0.53
CA SER A 257 -6.33 10.45 -0.68
C SER A 257 -6.27 11.97 -0.70
N LEU A 258 -5.87 12.60 0.41
CA LEU A 258 -5.62 14.05 0.49
C LEU A 258 -4.14 14.40 0.34
N GLY A 259 -3.33 13.44 -0.05
CA GLY A 259 -1.92 13.69 -0.27
C GLY A 259 -1.60 14.32 -1.61
N GLY A 260 -2.60 14.62 -2.43
CA GLY A 260 -2.33 15.15 -3.75
C GLY A 260 -2.94 16.50 -4.04
N LYS A 261 -3.46 16.67 -5.27
CA LYS A 261 -3.98 17.97 -5.68
C LYS A 261 -5.24 18.37 -4.91
N LEU A 262 -6.10 17.39 -4.56
CA LEU A 262 -7.31 17.70 -3.79
C LEU A 262 -6.98 18.19 -2.39
N GLY A 263 -6.11 17.47 -1.69
CA GLY A 263 -5.66 17.97 -0.40
C GLY A 263 -5.05 19.36 -0.50
N ALA A 264 -4.35 19.63 -1.61
CA ALA A 264 -3.76 20.94 -1.82
C ALA A 264 -4.83 21.99 -2.06
N SER A 265 -5.95 21.61 -2.68
CA SER A 265 -7.08 22.53 -2.89
C SER A 265 -7.87 22.78 -1.62
N VAL A 266 -8.13 21.73 -0.84
CA VAL A 266 -8.73 21.94 0.47
C VAL A 266 -7.92 22.96 1.27
N ILE A 267 -6.60 22.82 1.25
CA ILE A 267 -5.76 23.71 2.06
C ILE A 267 -5.85 25.14 1.54
N GLU A 268 -5.75 25.29 0.22
CA GLU A 268 -5.68 26.60 -0.43
C GLU A 268 -7.02 27.31 -0.42
N ILE A 269 -8.06 26.65 -0.90
CA ILE A 269 -9.36 27.29 -1.02
C ILE A 269 -9.89 27.67 0.36
N LEU A 270 -9.73 26.79 1.33
CA LEU A 270 -10.33 27.00 2.63
C LEU A 270 -9.44 27.75 3.60
N GLY A 271 -8.16 27.92 3.29
CA GLY A 271 -7.25 28.60 4.21
C GLY A 271 -6.97 27.83 5.48
N ILE A 272 -6.83 26.50 5.39
CA ILE A 272 -6.66 25.68 6.58
C ILE A 272 -5.42 24.81 6.41
N GLU A 273 -5.05 24.14 7.48
CA GLU A 273 -3.82 23.36 7.64
C GLU A 273 -4.07 21.96 8.16
N TYR A 274 -4.96 21.82 9.13
CA TYR A 274 -5.12 20.59 9.88
C TYR A 274 -6.51 20.02 9.66
N MET A 275 -6.60 18.69 9.78
CA MET A 275 -7.86 18.00 9.47
C MET A 275 -9.02 18.51 10.32
N GLY A 276 -8.76 18.80 11.60
CA GLY A 276 -9.83 19.25 12.47
C GLY A 276 -10.50 20.54 12.05
N GLU A 277 -9.77 21.43 11.37
CA GLU A 277 -10.34 22.69 10.90
C GLU A 277 -11.44 22.49 9.87
N LEU A 278 -11.50 21.32 9.23
CA LEU A 278 -12.61 21.06 8.32
C LEU A 278 -13.97 21.04 9.03
N THR A 279 -13.99 20.83 10.34
CA THR A 279 -15.28 20.67 11.02
C THR A 279 -16.08 21.96 11.08
N GLN A 280 -15.46 23.11 10.83
CA GLN A 280 -16.23 24.35 10.96
C GLN A 280 -17.16 24.61 9.78
N PHE A 281 -17.08 23.79 8.72
CA PHE A 281 -17.79 24.01 7.47
C PHE A 281 -19.01 23.12 7.38
N THR A 282 -20.05 23.62 6.72
CA THR A 282 -21.21 22.78 6.50
C THR A 282 -20.91 21.84 5.34
N GLU A 283 -21.65 20.74 5.30
CA GLU A 283 -21.51 19.79 4.21
C GLU A 283 -21.80 20.46 2.86
N SER A 284 -22.86 21.28 2.79
CA SER A 284 -23.16 22.01 1.56
C SER A 284 -21.98 22.89 1.14
N GLN A 285 -21.26 23.47 2.10
CA GLN A 285 -20.11 24.32 1.77
C GLN A 285 -18.99 23.50 1.16
N LEU A 286 -18.62 22.39 1.82
CA LEU A 286 -17.58 21.53 1.29
C LEU A 286 -17.95 20.99 -0.08
N GLN A 287 -19.22 20.63 -0.26
CA GLN A 287 -19.66 20.07 -1.54
C GLN A 287 -19.54 21.11 -2.65
N SER A 288 -19.84 22.38 -2.34
CA SER A 288 -19.76 23.45 -3.33
C SER A 288 -18.33 23.67 -3.81
N HIS A 289 -17.33 23.42 -2.95
CA HIS A 289 -15.95 23.70 -3.34
C HIS A 289 -15.31 22.54 -4.09
N PHE A 290 -15.69 21.32 -3.72
CA PHE A 290 -14.96 20.11 -4.07
C PHE A 290 -15.83 19.02 -4.65
N GLY A 291 -17.13 19.28 -4.86
CA GLY A 291 -17.99 18.30 -5.46
C GLY A 291 -18.88 17.61 -4.44
N GLU A 292 -19.95 16.99 -4.96
CA GLU A 292 -20.90 16.29 -4.10
C GLU A 292 -20.22 15.20 -3.27
N LYS A 293 -19.46 14.31 -3.90
CA LYS A 293 -18.93 13.16 -3.17
C LYS A 293 -17.72 13.53 -2.32
N ASN A 294 -16.83 14.37 -2.87
CA ASN A 294 -15.66 14.80 -2.09
C ASN A 294 -16.07 15.64 -0.89
N GLY A 295 -17.16 16.40 -1.00
CA GLY A 295 -17.56 17.24 0.11
C GLY A 295 -18.29 16.46 1.19
N SER A 296 -19.17 15.55 0.76
CA SER A 296 -19.78 14.62 1.70
C SER A 296 -18.70 13.84 2.45
N TRP A 297 -17.67 13.40 1.72
CA TRP A 297 -16.63 12.59 2.33
C TRP A 297 -15.78 13.40 3.29
N LEU A 298 -15.43 14.63 2.90
CA LEU A 298 -14.68 15.50 3.78
C LEU A 298 -15.49 15.83 5.03
N TYR A 299 -16.76 16.22 4.85
CA TYR A 299 -17.63 16.49 6.00
C TYR A 299 -17.58 15.35 7.02
N ALA A 300 -17.77 14.11 6.57
CA ALA A 300 -17.78 13.03 7.55
C ALA A 300 -16.37 12.67 8.02
N MET A 301 -15.38 12.72 7.14
CA MET A 301 -14.07 12.22 7.52
C MET A 301 -13.42 13.08 8.61
N CYS A 302 -13.65 14.38 8.59
CA CYS A 302 -13.01 15.22 9.60
C CYS A 302 -13.64 15.06 10.97
N ARG A 303 -14.79 14.40 11.07
CA ARG A 303 -15.35 13.92 12.32
C ARG A 303 -14.96 12.48 12.59
N GLY A 304 -14.06 11.92 11.80
CA GLY A 304 -13.63 10.54 11.99
C GLY A 304 -14.57 9.48 11.42
N ILE A 305 -15.47 9.85 10.51
CA ILE A 305 -16.46 8.92 9.98
C ILE A 305 -16.19 8.72 8.50
N GLU A 306 -16.23 7.45 8.07
CA GLU A 306 -16.10 7.05 6.68
C GLU A 306 -16.69 5.66 6.50
N HIS A 307 -17.36 5.43 5.37
CA HIS A 307 -18.09 4.17 5.19
C HIS A 307 -17.51 3.27 4.10
N ASP A 308 -16.41 3.66 3.45
CA ASP A 308 -15.79 2.80 2.46
C ASP A 308 -15.65 1.40 3.05
N PRO A 309 -16.25 0.38 2.45
CA PRO A 309 -16.24 -0.94 3.07
C PRO A 309 -14.95 -1.67 2.77
N VAL A 310 -14.63 -2.63 3.63
CA VAL A 310 -13.48 -3.50 3.40
C VAL A 310 -13.87 -4.48 2.28
N LYS A 311 -13.30 -4.30 1.10
CA LYS A 311 -13.69 -5.11 -0.02
C LYS A 311 -13.15 -6.53 0.16
N PRO A 312 -13.94 -7.53 -0.10
CA PRO A 312 -13.44 -8.91 -0.05
C PRO A 312 -12.71 -9.30 -1.33
N ARG A 313 -11.41 -8.99 -1.39
CA ARG A 313 -10.64 -9.14 -2.63
C ARG A 313 -9.16 -9.29 -2.26
N GLN A 314 -8.61 -10.49 -2.44
CA GLN A 314 -7.21 -10.76 -2.11
C GLN A 314 -6.32 -10.86 -3.33
N LEU A 315 -6.87 -10.69 -4.52
CA LEU A 315 -6.18 -10.88 -5.76
C LEU A 315 -6.19 -9.60 -6.57
N PRO A 316 -5.05 -9.19 -7.13
CA PRO A 316 -5.06 -8.02 -8.01
C PRO A 316 -6.05 -8.18 -9.14
N LYS A 317 -6.61 -7.04 -9.58
CA LYS A 317 -7.56 -6.97 -10.67
C LYS A 317 -6.92 -6.86 -12.03
N THR A 318 -5.62 -6.56 -12.09
CA THR A 318 -4.90 -6.33 -13.33
C THR A 318 -3.52 -6.97 -13.16
N ILE A 319 -2.94 -7.43 -14.26
CA ILE A 319 -1.58 -7.95 -14.29
C ILE A 319 -0.81 -7.10 -15.29
N GLY A 320 0.18 -6.35 -14.81
CA GLY A 320 0.77 -5.30 -15.61
C GLY A 320 2.29 -5.39 -15.64
N CYS A 321 2.85 -4.73 -16.63
CA CYS A 321 4.23 -4.99 -16.98
C CYS A 321 4.71 -3.86 -17.92
N SER A 322 5.71 -3.09 -17.49
CA SER A 322 6.05 -1.82 -18.14
C SER A 322 7.55 -1.57 -18.10
N LYS A 323 8.03 -0.80 -19.08
CA LYS A 323 9.41 -0.33 -19.03
C LYS A 323 9.52 1.10 -19.54
N ASN A 324 10.22 1.94 -18.77
CA ASN A 324 10.59 3.28 -19.21
C ASN A 324 11.86 3.23 -20.05
N PHE A 325 11.94 4.14 -21.01
CA PHE A 325 13.14 4.34 -21.83
C PHE A 325 13.46 5.83 -21.80
N PRO A 326 14.06 6.32 -20.72
CA PRO A 326 14.29 7.75 -20.58
C PRO A 326 15.32 8.28 -21.57
N GLY A 327 15.19 9.57 -21.85
CA GLY A 327 16.21 10.36 -22.52
C GLY A 327 16.75 9.83 -23.84
N LYS A 328 18.07 9.59 -23.88
CA LYS A 328 18.71 9.09 -25.09
C LYS A 328 18.33 7.65 -25.39
N THR A 329 17.84 6.89 -24.42
CA THR A 329 17.52 5.49 -24.66
C THR A 329 16.18 5.29 -25.37
N ALA A 330 15.43 6.37 -25.63
CA ALA A 330 14.10 6.23 -26.22
C ALA A 330 14.11 5.38 -27.48
N LEU A 331 13.14 4.47 -27.57
CA LEU A 331 13.05 3.55 -28.71
C LEU A 331 12.70 4.31 -29.98
N ALA A 332 13.63 4.29 -30.95
CA ALA A 332 13.50 5.07 -32.17
C ALA A 332 13.40 4.23 -33.44
N THR A 333 13.45 2.90 -33.35
CA THR A 333 13.27 2.05 -34.52
C THR A 333 12.07 1.15 -34.33
N ARG A 334 11.50 0.72 -35.46
CA ARG A 334 10.33 -0.16 -35.41
C ARG A 334 10.68 -1.50 -34.79
N GLU A 335 11.87 -2.01 -35.10
CA GLU A 335 12.25 -3.32 -34.57
C GLU A 335 12.66 -3.25 -33.10
N GLN A 336 13.12 -2.08 -32.65
CA GLN A 336 13.29 -1.87 -31.21
C GLN A 336 11.96 -1.99 -30.49
N VAL A 337 10.94 -1.31 -30.97
CA VAL A 337 9.63 -1.37 -30.34
C VAL A 337 9.10 -2.80 -30.33
N GLN A 338 9.40 -3.58 -31.37
CA GLN A 338 8.93 -4.96 -31.44
C GLN A 338 9.63 -5.83 -30.41
N TRP A 339 10.94 -5.68 -30.27
CA TRP A 339 11.67 -6.54 -29.36
C TRP A 339 11.20 -6.38 -27.92
N TRP A 340 10.97 -5.16 -27.47
CA TRP A 340 10.62 -4.92 -26.07
C TRP A 340 9.20 -5.33 -25.77
N LEU A 341 8.28 -5.06 -26.71
CA LEU A 341 6.93 -5.61 -26.57
C LEU A 341 6.96 -7.12 -26.41
N LEU A 342 7.92 -7.79 -27.07
CA LEU A 342 8.08 -9.22 -26.85
C LEU A 342 8.62 -9.55 -25.46
N GLN A 343 9.57 -8.74 -24.97
CA GLN A 343 10.04 -8.95 -23.59
C GLN A 343 8.88 -8.79 -22.62
N LEU A 344 8.13 -7.70 -22.79
CA LEU A 344 6.98 -7.45 -21.94
C LEU A 344 6.00 -8.62 -22.01
N ALA A 345 5.56 -8.97 -23.22
CA ALA A 345 4.60 -10.04 -23.38
C ALA A 345 5.10 -11.34 -22.77
N GLN A 346 6.42 -11.58 -22.84
CA GLN A 346 6.94 -12.84 -22.34
C GLN A 346 6.83 -12.92 -20.82
N GLU A 347 7.08 -11.82 -20.11
CA GLU A 347 6.85 -11.83 -18.67
C GLU A 347 5.37 -11.92 -18.35
N LEU A 348 4.57 -11.12 -19.05
CA LEU A 348 3.12 -11.13 -18.88
C LEU A 348 2.57 -12.55 -19.03
N GLU A 349 2.99 -13.22 -20.11
CA GLU A 349 2.50 -14.57 -20.38
C GLU A 349 2.83 -15.50 -19.22
N GLU A 350 4.06 -15.41 -18.72
CA GLU A 350 4.51 -16.28 -17.65
C GLU A 350 3.75 -16.04 -16.34
N ARG A 351 3.46 -14.77 -16.03
CA ARG A 351 2.66 -14.48 -14.84
C ARG A 351 1.19 -14.82 -15.04
N LEU A 352 0.64 -14.61 -16.25
CA LEU A 352 -0.75 -14.96 -16.49
C LEU A 352 -1.00 -16.45 -16.32
N THR A 353 -0.10 -17.29 -16.82
CA THR A 353 -0.29 -18.72 -16.70
C THR A 353 -0.16 -19.19 -15.24
N LYS A 354 0.71 -18.54 -14.45
CA LYS A 354 0.72 -18.81 -13.02
C LYS A 354 -0.62 -18.44 -12.40
N ASP A 355 -1.19 -17.31 -12.82
CA ASP A 355 -2.47 -16.86 -12.28
C ASP A 355 -3.59 -17.84 -12.61
N ARG A 356 -3.70 -18.21 -13.89
CA ARG A 356 -4.71 -19.18 -14.30
C ARG A 356 -4.62 -20.46 -13.50
N ASN A 357 -3.41 -20.99 -13.30
CA ASN A 357 -3.28 -22.23 -12.55
C ASN A 357 -3.59 -22.02 -11.07
N ASP A 358 -3.17 -20.87 -10.53
CA ASP A 358 -3.31 -20.65 -9.09
C ASP A 358 -4.73 -20.23 -8.71
N ASN A 359 -5.40 -19.46 -9.56
CA ASN A 359 -6.60 -18.76 -9.14
C ASN A 359 -7.83 -19.03 -9.99
N ASP A 360 -7.74 -19.92 -10.96
CA ASP A 360 -8.90 -20.36 -11.75
C ASP A 360 -9.61 -19.18 -12.41
N ARG A 361 -8.84 -18.38 -13.14
CA ARG A 361 -9.40 -17.28 -13.88
C ARG A 361 -8.52 -17.01 -15.09
N VAL A 362 -9.09 -16.32 -16.07
CA VAL A 362 -8.38 -15.94 -17.28
C VAL A 362 -8.63 -14.47 -17.54
N ALA A 363 -7.59 -13.77 -18.03
CA ALA A 363 -7.77 -12.42 -18.50
C ALA A 363 -8.29 -12.43 -19.93
N THR A 364 -9.18 -11.47 -20.24
CA THR A 364 -9.81 -11.42 -21.55
C THR A 364 -9.52 -10.15 -22.33
N GLN A 365 -8.71 -9.23 -21.79
CA GLN A 365 -8.43 -7.97 -22.46
C GLN A 365 -6.98 -7.57 -22.26
N LEU A 366 -6.36 -7.12 -23.34
CA LEU A 366 -4.98 -6.65 -23.35
C LEU A 366 -4.99 -5.14 -23.56
N VAL A 367 -4.37 -4.43 -22.62
CA VAL A 367 -4.26 -2.98 -22.66
C VAL A 367 -2.82 -2.61 -22.99
N VAL A 368 -2.67 -1.78 -24.02
CA VAL A 368 -1.36 -1.34 -24.49
C VAL A 368 -1.28 0.16 -24.24
N SER A 369 -0.24 0.59 -23.53
CA SER A 369 0.01 2.01 -23.37
C SER A 369 1.43 2.30 -23.82
N ILE A 370 1.65 3.55 -24.22
CA ILE A 370 2.97 4.04 -24.62
C ILE A 370 3.06 5.49 -24.17
N ARG A 371 4.29 5.93 -23.91
CA ARG A 371 4.61 7.32 -23.74
C ARG A 371 5.49 7.75 -24.91
N VAL A 372 5.45 9.05 -25.18
CA VAL A 372 6.14 9.63 -26.33
C VAL A 372 6.99 10.78 -25.84
N GLN A 373 8.24 10.81 -26.31
CA GLN A 373 9.16 11.87 -25.91
C GLN A 373 8.57 13.23 -26.26
N GLY A 374 8.51 14.11 -25.28
CA GLY A 374 7.86 15.40 -25.40
C GLY A 374 6.60 15.53 -24.58
N ASP A 375 5.92 14.40 -24.30
CA ASP A 375 4.67 14.45 -23.56
C ASP A 375 4.96 14.56 -22.06
N LYS A 376 3.94 14.99 -21.31
CA LYS A 376 4.16 15.48 -19.95
C LYS A 376 3.87 14.41 -18.90
N ARG A 377 3.04 13.44 -19.23
CA ARG A 377 2.31 12.67 -18.23
C ARG A 377 2.71 11.21 -18.28
N LEU A 378 2.37 10.50 -17.20
CA LEU A 378 2.67 9.08 -17.01
C LEU A 378 2.49 8.34 -18.34
N SER A 379 1.26 8.28 -18.82
CA SER A 379 0.97 7.72 -20.12
C SER A 379 0.71 8.84 -21.11
N SER A 380 0.94 8.54 -22.38
CA SER A 380 0.55 9.44 -23.46
C SER A 380 -0.61 8.89 -24.28
N LEU A 381 -0.91 7.60 -24.19
CA LEU A 381 -1.92 6.94 -24.99
C LEU A 381 -2.20 5.56 -24.42
N ARG A 382 -3.47 5.14 -24.45
CA ARG A 382 -3.89 3.81 -24.02
C ARG A 382 -4.83 3.19 -25.04
N ARG A 383 -4.56 1.95 -25.44
CA ARG A 383 -5.38 1.27 -26.41
C ARG A 383 -5.59 -0.18 -25.96
N CYS A 384 -6.68 -0.78 -26.44
CA CYS A 384 -7.09 -2.09 -25.95
C CYS A 384 -7.50 -3.00 -27.11
N CYS A 385 -7.09 -4.27 -27.00
CA CYS A 385 -7.50 -5.32 -27.93
C CYS A 385 -7.93 -6.53 -27.11
N ALA A 386 -8.39 -7.58 -27.80
CA ALA A 386 -8.84 -8.77 -27.09
C ALA A 386 -7.65 -9.65 -26.75
N LEU A 387 -7.73 -10.32 -25.62
CA LEU A 387 -6.69 -11.26 -25.19
C LEU A 387 -7.34 -12.62 -25.20
N THR A 388 -6.96 -13.44 -26.18
CA THR A 388 -7.58 -14.75 -26.33
C THR A 388 -6.62 -15.90 -26.05
N ARG A 389 -5.33 -15.63 -25.99
CA ARG A 389 -4.36 -16.71 -25.85
C ARG A 389 -3.19 -16.19 -25.02
N TYR A 390 -2.82 -16.96 -24.00
CA TYR A 390 -1.62 -16.67 -23.21
C TYR A 390 -0.42 -17.06 -24.06
N ASP A 391 -0.14 -16.20 -25.03
CA ASP A 391 0.90 -16.46 -26.01
C ASP A 391 1.69 -15.18 -26.22
N ALA A 392 2.96 -15.21 -25.86
CA ALA A 392 3.74 -13.98 -25.86
C ALA A 392 3.80 -13.34 -27.25
N HIS A 393 3.95 -14.13 -28.29
CA HIS A 393 4.11 -13.53 -29.62
C HIS A 393 2.82 -12.88 -30.09
N LYS A 394 1.68 -13.53 -29.85
CA LYS A 394 0.41 -12.98 -30.32
C LYS A 394 0.11 -11.66 -29.60
N MET A 395 0.24 -11.65 -28.27
CA MET A 395 0.05 -10.42 -27.50
C MET A 395 0.90 -9.28 -28.03
N SER A 396 2.20 -9.53 -28.22
CA SER A 396 3.10 -8.48 -28.70
C SER A 396 2.83 -8.14 -30.17
N HIS A 397 2.44 -9.12 -30.99
CA HIS A 397 1.99 -8.76 -32.32
C HIS A 397 0.71 -7.91 -32.25
N ASP A 398 -0.25 -8.30 -31.40
CA ASP A 398 -1.49 -7.53 -31.31
C ASP A 398 -1.24 -6.15 -30.70
N ALA A 399 -0.31 -6.06 -29.74
CA ALA A 399 0.03 -4.76 -29.16
C ALA A 399 0.64 -3.83 -30.19
N PHE A 400 1.51 -4.37 -31.04
CA PHE A 400 2.10 -3.55 -32.10
C PHE A 400 1.04 -3.10 -33.09
N THR A 401 0.18 -4.04 -33.52
CA THR A 401 -0.91 -3.70 -34.44
C THR A 401 -1.65 -2.45 -33.98
N VAL A 402 -1.98 -2.37 -32.69
CA VAL A 402 -2.88 -1.34 -32.20
C VAL A 402 -2.15 -0.05 -31.80
N ILE A 403 -0.82 0.00 -31.92
CA ILE A 403 -0.08 1.23 -31.70
C ILE A 403 0.76 1.62 -32.92
N LYS A 404 0.57 0.93 -34.06
CA LYS A 404 1.39 1.19 -35.24
C LYS A 404 1.17 2.59 -35.81
N ASN A 405 -0.07 3.09 -35.74
CA ASN A 405 -0.41 4.36 -36.37
C ASN A 405 -0.03 5.56 -35.51
N CYS A 406 0.47 5.34 -34.30
CA CYS A 406 1.05 6.44 -33.52
C CYS A 406 2.32 6.95 -34.16
N ASN A 407 2.89 6.19 -35.08
CA ASN A 407 4.18 6.49 -35.67
C ASN A 407 4.02 7.62 -36.68
N THR A 408 4.34 8.84 -36.24
CA THR A 408 4.29 10.00 -37.12
C THR A 408 5.33 9.95 -38.22
N SER A 409 6.29 9.02 -38.13
CA SER A 409 7.37 8.94 -39.11
C SER A 409 6.82 8.60 -40.49
N GLY A 410 7.50 9.13 -41.51
CA GLY A 410 7.21 8.76 -42.88
C GLY A 410 7.95 7.49 -43.30
N ILE A 411 9.20 7.36 -42.86
CA ILE A 411 9.97 6.12 -42.99
C ILE A 411 9.13 4.99 -42.41
N GLN A 412 9.46 3.74 -42.77
CA GLN A 412 8.81 2.60 -42.14
C GLN A 412 9.63 1.94 -41.05
N THR A 413 10.97 2.03 -41.14
CA THR A 413 11.86 1.42 -40.14
C THR A 413 12.10 2.30 -38.92
N GLU A 414 11.73 3.57 -38.98
CA GLU A 414 11.94 4.49 -37.88
C GLU A 414 10.68 4.64 -37.06
N TRP A 415 10.84 5.16 -35.84
CA TRP A 415 9.70 5.47 -34.99
C TRP A 415 9.81 6.91 -34.49
N SER A 416 9.17 7.83 -35.17
CA SER A 416 9.08 9.11 -34.55
C SER A 416 7.63 9.38 -34.15
N PRO A 417 7.43 10.10 -33.04
CA PRO A 417 8.47 10.48 -32.08
C PRO A 417 8.88 9.25 -31.26
N PRO A 418 10.14 9.16 -30.81
CA PRO A 418 10.59 7.94 -30.13
C PRO A 418 9.77 7.65 -28.88
N LEU A 419 9.68 6.36 -28.54
CA LEU A 419 8.84 5.90 -27.45
C LEU A 419 9.64 5.86 -26.14
N THR A 420 9.12 6.55 -25.12
CA THR A 420 9.79 6.60 -23.82
C THR A 420 9.19 5.62 -22.81
N MET A 421 8.10 4.95 -23.17
CA MET A 421 7.51 3.96 -22.28
C MET A 421 6.69 2.96 -23.08
N LEU A 422 6.75 1.69 -22.65
CA LEU A 422 5.89 0.64 -23.14
C LEU A 422 5.18 0.00 -21.94
N PHE A 423 3.88 -0.25 -22.09
CA PHE A 423 3.08 -0.80 -21.01
C PHE A 423 2.07 -1.79 -21.55
N LEU A 424 2.07 -3.02 -21.00
CA LEU A 424 1.13 -4.08 -21.34
C LEU A 424 0.41 -4.53 -20.08
N CYS A 425 -0.93 -4.57 -20.13
CA CYS A 425 -1.73 -4.90 -18.96
C CYS A 425 -2.88 -5.83 -19.32
N ALA A 426 -2.88 -7.04 -18.76
CA ALA A 426 -4.04 -7.93 -18.86
C ALA A 426 -5.04 -7.56 -17.79
N THR A 427 -6.32 -7.47 -18.17
CA THR A 427 -7.40 -7.05 -17.28
C THR A 427 -8.66 -7.85 -17.64
N LYS A 428 -9.80 -7.42 -17.09
CA LYS A 428 -11.11 -8.02 -17.37
C LYS A 428 -11.04 -9.54 -17.25
N PHE A 429 -10.73 -10.00 -16.03
CA PHE A 429 -10.66 -11.41 -15.72
C PHE A 429 -12.04 -12.02 -15.58
N SER A 430 -12.13 -13.32 -15.94
CA SER A 430 -13.35 -14.10 -15.83
C SER A 430 -13.00 -15.49 -15.33
N ALA A 431 -13.92 -16.06 -14.53
CA ALA A 431 -13.74 -17.41 -13.99
C ALA A 431 -13.42 -18.41 -15.08
N SER A 432 -12.48 -19.31 -14.78
CA SER A 432 -12.00 -20.29 -15.76
C SER A 432 -11.81 -21.65 -15.11
C4 Y43 D . 8.05 0.51 -4.63
C5 Y43 D . 7.78 1.82 -4.75
C6 Y43 D . 8.15 2.47 -5.87
C8 Y43 D . 7.08 1.18 -2.80
N1 Y43 D . 8.78 1.78 -6.93
N3 Y43 D . 8.64 -0.16 -5.62
C2 Y43 D . 9.01 0.50 -6.82
CAB Y43 D . 8.26 -1.37 -0.66
CAC Y43 D . 8.90 -1.59 -2.03
CAD Y43 D . 7.69 -1.29 -2.93
CAF Y43 D . 6.94 -2.04 -0.88
CAG Y43 D . 5.98 -1.59 0.23
N7 Y43 D . 7.20 2.24 -3.61
N9 Y43 D . 7.61 0.12 -3.44
O6 Y43 D . 7.92 3.69 -5.99
OAA Y43 D . 8.96 -2.07 0.36
OAE Y43 D . 6.55 -1.32 -2.05
OAH Y43 D . 5.81 -0.15 0.12
OAJ Y43 D . 5.18 2.29 0.88
OAK Y43 D . 4.58 0.28 2.37
OAL Y43 D . 7.03 1.17 2.20
OAN Y43 D . 7.22 -1.33 3.20
OAO Y43 D . 9.28 -0.17 2.22
OAP Y43 D . 8.39 0.74 4.43
OAR Y43 D . 5.85 0.64 5.36
OAS Y43 D . 7.86 0.37 6.95
OAT Y43 D . 7.38 2.68 5.78
PAI Y43 D . 5.58 0.84 1.44
PAM Y43 D . 8.00 0.09 2.95
PAQ Y43 D . 7.37 1.19 5.63
CA CA E . 5.08 -1.35 4.28
CA CA F . 2.47 -0.25 3.03
#